data_3VGD
#
_entry.id   3VGD
#
_cell.length_a   78.881
_cell.length_b   78.881
_cell.length_c   282.530
_cell.angle_alpha   90.000
_cell.angle_beta   90.000
_cell.angle_gamma   120.000
#
_symmetry.space_group_name_H-M   'P 32 2 1'
#
loop_
_entity.id
_entity.type
_entity.pdbx_description
1 polymer 'Malto-oligosyltrehalose trehalohydrolase'
2 non-polymer 'CITRATE ANION'
3 non-polymer GLYCEROL
4 water water
#
_entity_poly.entity_id   1
_entity_poly.type   'polypeptide(L)'
_entity_poly.pdbx_seq_one_letter_code
;TFAYKIDGNEVIFTLWAPYQKSVKLKVLEKGLYEMERDEKGYFTITLNNVKVRDRYKYVLDDASEIPDPASRYQPEGVHG
PSQIIQESKEFNNETFLKKEDLIIYEIHVGTFTPEGTFEGVIRKLDYLKDLGITAIEIMPIAQFPGKRDWGYDGVYLYAV
QNSYGGPEGFRKLVDEAHKKGLGVILDVVYNHVGPEGNYMVKLGPYFSQKYKTPWGLTFNFDDAESDEVRKFILENVEYW
IKEYNVDGFRLEAVHAIIDTSPKHILEEIADVVHKYNRIVIAESDLNDPRVVNPKEKCGYNIDAQWVDDFHHSIHAYLTG
ERQGYYTDFGNLDDIVKSYKDVFVYDGKYSNFRRKTHGEPVGELDGCNFVVYIQNHDQVGNRGKGERIIKLVDRESYKIA
AALYLLSPYIPMIFMGEEYGEENPFYFFSDFSDSKLIQGVREGRKKENGQDTDPQDESTFNASKLSWKIDEEIFSFYKIL
IKMRKELSIACDRRVNVVNGENWLIIKGREYFSLYVFSKSSIEVKYSGTLLLSSNNSFPQHIEEGKYEFDKGFALYKL
;
_entity_poly.pdbx_strand_id   A
#
loop_
_chem_comp.id
_chem_comp.type
_chem_comp.name
_chem_comp.formula
FLC non-polymer 'CITRATE ANION' 'C6 H5 O7 -3'
GOL non-polymer GLYCEROL 'C3 H8 O3'
#
# COMPACT_ATOMS: atom_id res chain seq x y z
N ALA A 3 3.80 -13.04 22.21
CA ALA A 3 2.59 -13.75 21.71
C ALA A 3 2.06 -14.80 22.70
N TYR A 4 0.95 -15.44 22.36
CA TYR A 4 0.47 -16.61 23.09
C TYR A 4 0.37 -17.80 22.14
N LYS A 5 0.54 -18.99 22.69
CA LYS A 5 0.35 -20.22 21.93
C LYS A 5 -0.64 -21.13 22.65
N ILE A 6 -1.69 -21.51 21.93
CA ILE A 6 -2.67 -22.48 22.40
C ILE A 6 -2.07 -23.88 22.22
N ASP A 7 -1.95 -24.62 23.32
CA ASP A 7 -1.30 -25.94 23.29
C ASP A 7 -2.20 -26.99 23.94
N GLY A 8 -3.06 -27.58 23.13
CA GLY A 8 -4.11 -28.46 23.62
C GLY A 8 -5.09 -27.62 24.42
N ASN A 9 -5.14 -27.87 25.72
CA ASN A 9 -6.04 -27.16 26.63
C ASN A 9 -5.34 -26.08 27.46
N GLU A 10 -4.02 -26.01 27.33
CA GLU A 10 -3.28 -24.93 27.99
C GLU A 10 -2.81 -23.87 27.01
N VAL A 11 -2.37 -22.74 27.53
CA VAL A 11 -1.86 -21.63 26.70
C VAL A 11 -0.66 -20.93 27.35
N ILE A 12 0.39 -20.77 26.56
CA ILE A 12 1.63 -20.20 27.07
C ILE A 12 1.80 -18.74 26.60
N PHE A 13 2.04 -17.85 27.58
CA PHE A 13 2.22 -16.43 27.31
C PHE A 13 3.70 -16.09 27.32
N THR A 14 4.14 -15.39 26.27
CA THR A 14 5.54 -15.02 26.11
C THR A 14 5.65 -13.52 25.88
N LEU A 15 6.41 -12.84 26.73
CA LEU A 15 6.62 -11.40 26.63
C LEU A 15 8.11 -11.07 26.64
N TRP A 16 8.61 -10.43 25.58
CA TRP A 16 10.00 -10.02 25.56
C TRP A 16 10.19 -8.67 26.23
N ALA A 17 10.92 -8.64 27.33
CA ALA A 17 11.07 -7.39 28.07
C ALA A 17 12.36 -7.23 28.90
N PRO A 18 13.53 -7.15 28.21
CA PRO A 18 14.86 -7.00 28.83
C PRO A 18 14.97 -5.87 29.84
N TYR A 19 14.26 -4.77 29.63
CA TYR A 19 14.31 -3.61 30.54
C TYR A 19 13.66 -3.89 31.88
N GLN A 20 12.94 -5.00 31.97
CA GLN A 20 12.06 -5.28 33.09
C GLN A 20 12.62 -6.35 34.02
N LYS A 21 12.60 -6.08 35.33
CA LYS A 21 13.12 -7.04 36.33
C LYS A 21 12.10 -8.15 36.59
N SER A 22 10.81 -7.79 36.60
CA SER A 22 9.72 -8.74 36.88
C SER A 22 8.42 -8.27 36.24
N VAL A 23 7.72 -9.19 35.60
CA VAL A 23 6.46 -8.88 34.97
C VAL A 23 5.39 -9.84 35.44
N LYS A 24 4.20 -9.28 35.67
CA LYS A 24 3.02 -10.05 36.05
C LYS A 24 2.02 -10.12 34.88
N LEU A 25 1.42 -11.29 34.69
CA LEU A 25 0.28 -11.44 33.80
C LEU A 25 -0.98 -11.15 34.60
N LYS A 26 -1.77 -10.20 34.12
CA LYS A 26 -3.05 -9.90 34.73
C LYS A 26 -4.12 -10.38 33.78
N VAL A 27 -4.78 -11.47 34.13
CA VAL A 27 -5.91 -11.96 33.37
C VAL A 27 -7.15 -11.37 34.03
N LEU A 28 -7.83 -10.47 33.32
CA LEU A 28 -8.98 -9.72 33.83
C LEU A 28 -9.98 -10.67 34.45
N GLU A 29 -10.34 -10.41 35.70
CA GLU A 29 -11.34 -11.20 36.44
C GLU A 29 -10.89 -12.65 36.71
N LYS A 30 -9.59 -12.92 36.64
CA LYS A 30 -9.08 -14.24 37.05
C LYS A 30 -7.93 -14.16 38.05
N GLY A 31 -6.75 -13.75 37.60
CA GLY A 31 -5.64 -13.59 38.54
C GLY A 31 -4.56 -12.60 38.14
N LEU A 32 -3.51 -12.57 38.97
CA LEU A 32 -2.22 -11.94 38.70
C LEU A 32 -1.20 -13.05 38.86
N TYR A 33 -0.37 -13.26 37.84
CA TYR A 33 0.53 -14.41 37.85
C TYR A 33 1.95 -13.96 37.53
N GLU A 34 2.85 -14.19 38.49
CA GLU A 34 4.28 -13.95 38.30
C GLU A 34 4.80 -14.73 37.11
N MET A 35 5.66 -14.10 36.32
CA MET A 35 6.20 -14.73 35.12
C MET A 35 7.66 -15.09 35.36
N GLU A 36 8.10 -16.14 34.68
CA GLU A 36 9.47 -16.61 34.71
C GLU A 36 10.34 -15.89 33.67
N ARG A 37 11.57 -15.54 34.07
CA ARG A 37 12.48 -14.74 33.25
C ARG A 37 13.74 -15.51 32.80
N ASP A 38 13.92 -15.70 31.49
CA ASP A 38 15.21 -16.20 30.98
C ASP A 38 16.24 -15.06 30.83
N GLU A 39 17.50 -15.38 30.55
CA GLU A 39 18.57 -14.36 30.63
C GLU A 39 18.63 -13.38 29.43
N LYS A 40 18.00 -13.75 28.32
CA LYS A 40 17.77 -12.81 27.23
C LYS A 40 16.56 -11.91 27.53
N GLY A 41 15.88 -12.17 28.65
CA GLY A 41 14.80 -11.28 29.11
C GLY A 41 13.40 -11.58 28.59
N TYR A 42 13.21 -12.76 28.01
CA TYR A 42 11.90 -13.29 27.68
C TYR A 42 11.16 -13.73 28.97
N PHE A 43 9.92 -13.30 29.14
CA PHE A 43 9.08 -13.70 30.28
C PHE A 43 8.04 -14.70 29.84
N THR A 44 7.87 -15.79 30.59
CA THR A 44 6.91 -16.84 30.27
C THR A 44 6.04 -17.37 31.47
N ILE A 45 4.87 -17.90 31.14
CA ILE A 45 4.06 -18.76 32.01
C ILE A 45 3.21 -19.62 31.11
N THR A 46 2.93 -20.83 31.55
CA THR A 46 1.92 -21.68 30.93
C THR A 46 0.71 -21.76 31.87
N LEU A 47 -0.48 -21.51 31.32
CA LEU A 47 -1.71 -21.48 32.11
C LEU A 47 -2.76 -22.43 31.57
N ASN A 48 -3.58 -22.91 32.52
CA ASN A 48 -4.58 -23.95 32.33
C ASN A 48 -6.01 -23.42 32.26
N ASN A 49 -6.25 -22.28 32.91
CA ASN A 49 -7.60 -21.74 33.12
C ASN A 49 -7.98 -20.59 32.16
N VAL A 50 -7.29 -20.50 31.02
CA VAL A 50 -7.51 -19.42 30.05
C VAL A 50 -8.26 -19.97 28.83
N LYS A 51 -9.30 -19.26 28.41
CA LYS A 51 -10.10 -19.65 27.26
C LYS A 51 -10.15 -18.52 26.22
N VAL A 52 -10.49 -18.88 24.98
CA VAL A 52 -10.86 -17.93 23.94
C VAL A 52 -11.77 -16.86 24.57
N ARG A 53 -11.49 -15.60 24.26
CA ARG A 53 -12.26 -14.44 24.73
C ARG A 53 -11.80 -13.80 26.04
N ASP A 54 -10.90 -14.47 26.77
CA ASP A 54 -10.33 -13.87 27.97
C ASP A 54 -9.53 -12.60 27.64
N ARG A 55 -9.53 -11.67 28.58
CA ARG A 55 -8.81 -10.43 28.41
C ARG A 55 -7.61 -10.36 29.33
N TYR A 56 -6.55 -9.70 28.87
CA TYR A 56 -5.34 -9.62 29.67
C TYR A 56 -4.52 -8.36 29.47
N LYS A 57 -3.64 -8.11 30.43
CA LYS A 57 -2.60 -7.10 30.32
C LYS A 57 -1.33 -7.59 31.03
N TYR A 58 -0.23 -6.87 30.84
CA TYR A 58 1.00 -7.15 31.57
C TYR A 58 1.24 -6.01 32.54
N VAL A 59 1.69 -6.33 33.75
CA VAL A 59 1.97 -5.30 34.73
C VAL A 59 3.46 -5.29 35.05
N LEU A 60 4.04 -4.11 34.92
CA LEU A 60 5.50 -3.95 34.90
C LEU A 60 6.06 -3.65 36.28
N ASP A 61 7.39 -3.54 36.34
CA ASP A 61 8.15 -3.20 37.55
C ASP A 61 7.49 -2.08 38.33
N ASP A 62 7.19 -0.98 37.63
CA ASP A 62 6.66 0.24 38.23
C ASP A 62 5.13 0.20 38.43
N ALA A 63 4.58 -1.01 38.52
CA ALA A 63 3.15 -1.23 38.75
C ALA A 63 2.21 -0.90 37.57
N SER A 64 2.72 -0.17 36.57
CA SER A 64 1.91 0.21 35.40
C SER A 64 1.49 -1.00 34.58
N GLU A 65 0.34 -0.87 33.89
CA GLU A 65 -0.30 -1.98 33.18
C GLU A 65 -0.38 -1.66 31.69
N ILE A 66 -0.02 -2.63 30.84
CA ILE A 66 0.05 -2.40 29.40
C ILE A 66 -0.60 -3.53 28.62
N PRO A 67 -1.13 -3.22 27.43
CA PRO A 67 -1.56 -4.29 26.53
C PRO A 67 -0.36 -5.07 26.01
N ASP A 68 -0.65 -6.26 25.47
CA ASP A 68 0.35 -7.14 24.87
C ASP A 68 0.80 -6.56 23.54
N PRO A 69 2.09 -6.25 23.41
CA PRO A 69 2.54 -5.61 22.15
C PRO A 69 2.32 -6.51 20.93
N ALA A 70 2.26 -7.82 21.18
CA ALA A 70 1.93 -8.79 20.12
C ALA A 70 0.46 -9.23 20.17
N SER A 71 -0.37 -8.42 20.85
CA SER A 71 -1.82 -8.61 20.92
C SER A 71 -2.40 -9.00 19.57
N ARG A 72 -3.32 -9.97 19.60
CA ARG A 72 -4.03 -10.38 18.39
C ARG A 72 -5.37 -9.66 18.26
N TYR A 73 -5.75 -8.92 19.29
CA TYR A 73 -7.03 -8.18 19.30
C TYR A 73 -7.11 -7.17 20.45
N GLN A 74 -7.43 -5.93 20.10
CA GLN A 74 -7.60 -4.83 21.05
C GLN A 74 -9.07 -4.39 21.04
N PRO A 75 -9.93 -5.10 21.79
CA PRO A 75 -11.37 -4.82 21.72
C PRO A 75 -11.72 -3.39 22.13
N GLU A 76 -10.93 -2.81 23.03
CA GLU A 76 -11.21 -1.46 23.50
C GLU A 76 -10.17 -0.46 23.04
N GLY A 77 -9.56 -0.71 21.88
CA GLY A 77 -8.57 0.21 21.33
C GLY A 77 -7.17 0.05 21.90
N VAL A 78 -6.34 1.05 21.61
CA VAL A 78 -4.89 1.00 21.87
C VAL A 78 -4.45 1.00 23.34
N HIS A 79 -5.35 1.37 24.25
CA HIS A 79 -5.00 1.44 25.69
C HIS A 79 -5.75 0.41 26.51
N GLY A 80 -6.66 -0.32 25.87
CA GLY A 80 -7.49 -1.34 26.51
C GLY A 80 -6.76 -2.69 26.63
N PRO A 81 -7.42 -3.68 27.25
CA PRO A 81 -6.79 -4.99 27.38
C PRO A 81 -6.64 -5.71 26.04
N SER A 82 -5.71 -6.67 25.98
CA SER A 82 -5.60 -7.59 24.84
C SER A 82 -6.59 -8.73 25.00
N GLN A 83 -6.93 -9.40 23.91
CA GLN A 83 -7.89 -10.50 23.98
C GLN A 83 -7.42 -11.75 23.26
N ILE A 84 -7.78 -12.90 23.84
CA ILE A 84 -7.49 -14.22 23.30
C ILE A 84 -8.48 -14.55 22.19
N ILE A 85 -7.98 -14.94 21.03
CA ILE A 85 -8.89 -15.29 19.95
C ILE A 85 -8.59 -16.69 19.41
N GLN A 86 -9.60 -17.27 18.77
CA GLN A 86 -9.48 -18.54 18.05
C GLN A 86 -8.24 -18.58 17.19
N GLU A 87 -7.54 -19.72 17.20
CA GLU A 87 -6.50 -19.97 16.20
C GLU A 87 -7.22 -20.34 14.90
N SER A 88 -6.49 -20.30 13.78
CA SER A 88 -7.12 -20.35 12.47
C SER A 88 -7.67 -21.73 12.13
N PHE A 91 -4.90 -22.46 6.28
CA PHE A 91 -4.36 -21.63 5.19
C PHE A 91 -3.88 -22.44 3.96
N ASN A 92 -3.96 -21.81 2.78
CA ASN A 92 -3.61 -22.46 1.53
C ASN A 92 -2.12 -22.47 1.35
N ASN A 93 -1.59 -23.52 0.75
CA ASN A 93 -0.14 -23.56 0.62
C ASN A 93 0.37 -22.59 -0.48
N GLU A 94 -0.52 -22.23 -1.39
CA GLU A 94 -0.27 -21.34 -2.53
C GLU A 94 -1.28 -20.19 -2.66
N THR A 95 -0.85 -18.99 -3.04
CA THR A 95 -1.78 -18.01 -3.61
C THR A 95 -2.09 -18.39 -5.05
N PHE A 96 -3.37 -18.33 -5.43
CA PHE A 96 -3.75 -18.47 -6.84
C PHE A 96 -3.41 -17.22 -7.70
N LEU A 97 -3.06 -16.12 -7.06
CA LEU A 97 -2.58 -14.92 -7.77
C LEU A 97 -1.34 -15.21 -8.58
N LYS A 98 -1.34 -14.75 -9.83
CA LYS A 98 -0.16 -14.75 -10.68
C LYS A 98 0.27 -13.32 -10.86
N LYS A 99 1.51 -13.04 -10.46
CA LYS A 99 2.06 -11.70 -10.48
C LYS A 99 1.78 -11.00 -11.80
N GLU A 100 1.82 -11.70 -12.92
CA GLU A 100 1.58 -11.03 -14.21
C GLU A 100 0.15 -10.80 -14.63
N ASP A 101 -0.82 -11.28 -13.85
CA ASP A 101 -2.23 -10.97 -14.16
C ASP A 101 -2.73 -9.94 -13.17
N LEU A 102 -1.81 -9.38 -12.40
CA LEU A 102 -2.16 -8.54 -11.28
C LEU A 102 -2.68 -7.17 -11.77
N ILE A 103 -3.92 -6.88 -11.39
CA ILE A 103 -4.52 -5.57 -11.48
C ILE A 103 -5.05 -5.26 -10.09
N ILE A 104 -4.46 -4.25 -9.46
CA ILE A 104 -4.65 -4.00 -8.02
C ILE A 104 -5.63 -2.86 -7.81
N TYR A 105 -6.41 -3.00 -6.73
CA TYR A 105 -7.40 -1.98 -6.36
C TYR A 105 -7.18 -1.59 -4.89
N GLU A 106 -6.81 -0.32 -4.67
CA GLU A 106 -6.46 0.13 -3.32
C GLU A 106 -7.68 0.60 -2.55
N ILE A 107 -7.87 0.04 -1.34
CA ILE A 107 -9.06 0.28 -0.51
C ILE A 107 -8.67 0.78 0.87
N HIS A 108 -9.29 1.89 1.25
CA HIS A 108 -9.26 2.29 2.65
C HIS A 108 -10.58 1.89 3.27
N VAL A 109 -10.54 0.91 4.15
CA VAL A 109 -11.74 0.27 4.65
C VAL A 109 -12.72 1.28 5.26
N GLY A 110 -12.21 2.22 6.07
CA GLY A 110 -13.06 3.15 6.82
C GLY A 110 -13.92 4.07 5.95
N THR A 111 -13.39 4.44 4.78
CA THR A 111 -14.07 5.37 3.87
C THR A 111 -14.65 4.69 2.62
N PHE A 112 -14.25 3.45 2.32
CA PHE A 112 -14.67 2.74 1.11
C PHE A 112 -16.19 2.65 0.93
N THR A 113 -16.91 2.68 2.03
CA THR A 113 -18.27 2.20 2.06
C THR A 113 -18.98 2.92 3.22
N PRO A 114 -20.30 3.20 3.08
CA PRO A 114 -21.03 3.75 4.22
C PRO A 114 -20.76 2.98 5.51
N GLU A 115 -20.62 1.66 5.43
CA GLU A 115 -20.40 0.84 6.62
C GLU A 115 -19.05 1.14 7.22
N GLY A 116 -18.04 1.27 6.36
CA GLY A 116 -16.67 1.51 6.79
C GLY A 116 -16.06 0.30 7.47
N THR A 117 -16.57 -0.88 7.15
CA THR A 117 -16.05 -2.07 7.78
C THR A 117 -15.63 -3.05 6.69
N PHE A 118 -15.08 -4.18 7.11
CA PHE A 118 -14.79 -5.31 6.21
C PHE A 118 -16.06 -5.83 5.54
N GLU A 119 -17.16 -5.88 6.28
CA GLU A 119 -18.40 -6.37 5.72
C GLU A 119 -18.77 -5.49 4.51
N GLY A 120 -18.51 -4.19 4.64
CA GLY A 120 -18.74 -3.24 3.58
C GLY A 120 -17.95 -3.59 2.35
N VAL A 121 -16.67 -3.97 2.53
CA VAL A 121 -15.92 -4.43 1.35
C VAL A 121 -16.42 -5.75 0.78
N ILE A 122 -16.93 -6.66 1.63
CA ILE A 122 -17.51 -7.90 1.13
C ILE A 122 -18.69 -7.62 0.18
N ARG A 123 -19.51 -6.63 0.52
CA ARG A 123 -20.62 -6.19 -0.33
C ARG A 123 -20.20 -5.72 -1.73
N LYS A 124 -18.97 -5.24 -1.87
CA LYS A 124 -18.47 -4.69 -3.16
C LYS A 124 -17.64 -5.68 -3.99
N LEU A 125 -17.49 -6.91 -3.51
CA LEU A 125 -16.64 -7.90 -4.15
C LEU A 125 -17.14 -8.22 -5.58
N ASP A 126 -18.44 -8.51 -5.73
CA ASP A 126 -19.03 -8.76 -7.04
C ASP A 126 -18.75 -7.60 -8.01
N TYR A 127 -18.86 -6.37 -7.52
CA TYR A 127 -18.62 -5.19 -8.33
C TYR A 127 -17.15 -5.15 -8.79
N LEU A 128 -16.23 -5.42 -7.87
CA LEU A 128 -14.80 -5.39 -8.15
C LEU A 128 -14.40 -6.49 -9.14
N LYS A 129 -14.95 -7.69 -8.94
CA LYS A 129 -14.68 -8.83 -9.79
C LYS A 129 -15.09 -8.52 -11.24
N ASP A 130 -16.28 -7.96 -11.39
CA ASP A 130 -16.86 -7.59 -12.67
C ASP A 130 -16.11 -6.44 -13.35
N LEU A 131 -15.55 -5.55 -12.54
CA LEU A 131 -14.71 -4.49 -13.06
C LEU A 131 -13.48 -5.11 -13.77
N GLY A 132 -12.96 -6.21 -13.22
CA GLY A 132 -11.83 -6.93 -13.81
C GLY A 132 -10.55 -6.94 -12.99
N ILE A 133 -10.61 -6.34 -11.80
CA ILE A 133 -9.58 -6.34 -10.75
C ILE A 133 -9.23 -7.79 -10.40
N THR A 134 -7.99 -8.06 -9.98
CA THR A 134 -7.67 -9.43 -9.56
C THR A 134 -7.21 -9.48 -8.12
N ALA A 135 -6.83 -8.33 -7.58
CA ALA A 135 -6.47 -8.29 -6.17
C ALA A 135 -6.87 -6.97 -5.54
N ILE A 136 -7.47 -7.05 -4.35
CA ILE A 136 -7.63 -5.87 -3.56
C ILE A 136 -6.46 -5.68 -2.64
N GLU A 137 -6.05 -4.42 -2.50
CA GLU A 137 -5.03 -4.02 -1.54
C GLU A 137 -5.66 -3.20 -0.42
N ILE A 138 -5.54 -3.71 0.80
CA ILE A 138 -6.15 -3.16 1.98
C ILE A 138 -5.13 -2.32 2.75
N MET A 139 -5.43 -1.05 2.96
CA MET A 139 -4.57 -0.17 3.73
C MET A 139 -4.51 -0.68 5.18
N PRO A 140 -3.44 -0.32 5.94
CA PRO A 140 -3.13 -1.02 7.19
C PRO A 140 -4.27 -1.20 8.18
N ILE A 141 -4.37 -2.39 8.75
CA ILE A 141 -5.44 -2.71 9.68
C ILE A 141 -4.90 -3.04 11.08
N ALA A 142 -3.60 -2.89 11.27
CA ALA A 142 -3.03 -3.06 12.60
C ALA A 142 -3.61 -1.96 13.49
N GLN A 143 -4.10 -2.35 14.68
CA GLN A 143 -4.88 -1.44 15.55
C GLN A 143 -4.21 -0.08 15.72
N PHE A 144 -4.97 0.98 15.43
CA PHE A 144 -4.52 2.36 15.59
C PHE A 144 -5.49 3.10 16.51
N PRO A 145 -5.12 4.31 16.95
CA PRO A 145 -6.03 5.03 17.88
C PRO A 145 -7.38 5.38 17.26
N GLY A 146 -8.45 5.21 18.06
CA GLY A 146 -9.81 5.53 17.63
C GLY A 146 -10.25 4.80 16.36
N LYS A 147 -11.09 5.47 15.56
CA LYS A 147 -11.75 4.88 14.37
C LYS A 147 -11.31 5.48 13.03
N ARG A 148 -10.67 6.65 13.05
CA ARG A 148 -10.43 7.36 11.79
C ARG A 148 -8.95 7.59 11.55
N ASP A 149 -8.36 6.75 10.70
CA ASP A 149 -6.94 6.79 10.44
C ASP A 149 -6.69 6.08 9.11
N TRP A 150 -5.72 6.59 8.34
CA TRP A 150 -5.30 5.96 7.11
C TRP A 150 -4.80 4.56 7.41
N GLY A 151 -4.13 4.41 8.56
CA GLY A 151 -3.61 3.14 9.00
C GLY A 151 -2.16 3.22 9.41
N TYR A 152 -1.46 4.26 8.95
CA TYR A 152 -0.01 4.35 9.21
C TYR A 152 0.32 4.69 10.67
N ASP A 153 -0.71 5.01 11.46
CA ASP A 153 -0.53 5.25 12.90
C ASP A 153 -0.77 3.97 13.70
N GLY A 154 -0.85 2.83 13.01
CA GLY A 154 -1.03 1.54 13.65
C GLY A 154 0.04 1.26 14.69
N VAL A 155 -0.34 0.57 15.75
CA VAL A 155 0.56 0.46 16.86
C VAL A 155 0.51 -0.97 17.46
N TYR A 156 -0.31 -1.83 16.89
CA TYR A 156 -0.36 -3.26 17.26
C TYR A 156 -0.31 -4.14 16.04
N LEU A 157 0.91 -4.55 15.70
CA LEU A 157 1.22 -5.15 14.42
C LEU A 157 0.41 -6.41 14.13
N TYR A 158 -0.03 -7.12 15.18
CA TYR A 158 -0.77 -8.36 15.01
C TYR A 158 -2.29 -8.25 15.23
N ALA A 159 -2.77 -7.05 15.57
CA ALA A 159 -4.15 -6.89 16.05
C ALA A 159 -5.01 -6.21 15.00
N VAL A 160 -6.00 -6.94 14.47
CA VAL A 160 -6.86 -6.38 13.44
C VAL A 160 -7.82 -5.35 14.05
N GLN A 161 -7.86 -4.16 13.45
CA GLN A 161 -8.59 -2.99 13.95
C GLN A 161 -9.99 -3.33 14.39
N ASN A 162 -10.31 -3.04 15.65
CA ASN A 162 -11.63 -3.35 16.21
C ASN A 162 -12.79 -2.74 15.43
N SER A 163 -12.67 -1.46 15.10
CA SER A 163 -13.79 -0.71 14.51
C SER A 163 -13.99 -1.02 13.02
N TYR A 164 -13.05 -1.75 12.40
CA TYR A 164 -13.28 -2.25 11.03
C TYR A 164 -14.01 -3.59 11.05
N GLY A 165 -14.15 -4.19 12.24
CA GLY A 165 -14.73 -5.52 12.36
C GLY A 165 -13.79 -6.58 12.92
N GLY A 166 -12.56 -6.21 13.28
CA GLY A 166 -11.68 -7.12 14.02
C GLY A 166 -11.32 -8.39 13.26
N PRO A 167 -10.65 -9.34 13.95
CA PRO A 167 -10.20 -10.61 13.41
C PRO A 167 -11.21 -11.32 12.52
N GLU A 168 -12.41 -11.50 13.02
CA GLU A 168 -13.44 -12.23 12.28
C GLU A 168 -13.83 -11.54 10.97
N GLY A 169 -14.01 -10.23 10.99
CA GLY A 169 -14.37 -9.50 9.77
C GLY A 169 -13.28 -9.65 8.72
N PHE A 170 -12.01 -9.59 9.12
CA PHE A 170 -10.93 -9.64 8.13
C PHE A 170 -10.81 -11.02 7.49
N ARG A 171 -10.90 -12.03 8.35
CA ARG A 171 -10.88 -13.42 7.95
C ARG A 171 -12.03 -13.69 7.00
N LYS A 172 -13.19 -13.12 7.29
CA LYS A 172 -14.34 -13.29 6.45
C LYS A 172 -14.14 -12.57 5.11
N LEU A 173 -13.57 -11.38 5.15
CA LEU A 173 -13.26 -10.69 3.92
C LEU A 173 -12.35 -11.57 3.05
N VAL A 174 -11.23 -12.08 3.61
CA VAL A 174 -10.35 -12.84 2.71
C VAL A 174 -10.99 -14.10 2.22
N ASP A 175 -11.79 -14.76 3.06
CA ASP A 175 -12.46 -15.98 2.62
C ASP A 175 -13.42 -15.67 1.48
N GLU A 176 -14.21 -14.61 1.60
CA GLU A 176 -15.17 -14.25 0.56
C GLU A 176 -14.49 -13.80 -0.72
N ALA A 177 -13.37 -13.06 -0.57
CA ALA A 177 -12.61 -12.64 -1.74
C ALA A 177 -12.14 -13.85 -2.54
N HIS A 178 -11.62 -14.86 -1.84
CA HIS A 178 -11.18 -16.11 -2.45
C HIS A 178 -12.29 -16.87 -3.16
N LYS A 179 -13.48 -16.95 -2.53
CA LYS A 179 -14.63 -17.55 -3.17
C LYS A 179 -14.95 -16.87 -4.49
N LYS A 180 -14.74 -15.56 -4.56
CA LYS A 180 -15.05 -14.80 -5.76
C LYS A 180 -13.87 -14.71 -6.73
N GLY A 181 -12.76 -15.36 -6.42
CA GLY A 181 -11.61 -15.36 -7.34
C GLY A 181 -10.74 -14.11 -7.26
N LEU A 182 -10.75 -13.42 -6.10
CA LEU A 182 -9.94 -12.19 -5.89
C LEU A 182 -8.94 -12.41 -4.78
N GLY A 183 -7.74 -11.87 -4.97
CA GLY A 183 -6.65 -12.00 -4.00
C GLY A 183 -6.72 -10.83 -3.04
N VAL A 184 -6.16 -10.99 -1.85
CA VAL A 184 -5.98 -9.83 -0.96
C VAL A 184 -4.54 -9.57 -0.53
N ILE A 185 -4.17 -8.30 -0.68
CA ILE A 185 -2.83 -7.82 -0.36
C ILE A 185 -2.96 -6.87 0.81
N LEU A 186 -2.16 -7.11 1.85
CA LEU A 186 -2.20 -6.28 3.05
C LEU A 186 -1.02 -5.31 3.07
N ASP A 187 -1.36 -4.05 3.24
CA ASP A 187 -0.40 -2.98 3.42
C ASP A 187 0.13 -3.11 4.84
N VAL A 188 1.44 -3.27 5.00
CA VAL A 188 2.01 -3.44 6.35
C VAL A 188 3.19 -2.52 6.64
N VAL A 189 3.34 -2.15 7.91
CA VAL A 189 4.28 -1.12 8.30
C VAL A 189 5.37 -1.71 9.19
N TYR A 190 6.58 -1.86 8.64
CA TYR A 190 7.70 -2.48 9.37
C TYR A 190 8.85 -1.51 9.62
N ASN A 191 8.59 -0.22 9.47
CA ASN A 191 9.63 0.77 9.68
C ASN A 191 9.36 1.74 10.84
N HIS A 192 8.14 1.74 11.37
CA HIS A 192 7.82 2.63 12.47
C HIS A 192 6.59 2.14 13.18
N VAL A 193 6.24 2.84 14.24
CA VAL A 193 5.06 2.60 15.00
C VAL A 193 4.37 3.96 15.17
N GLY A 194 3.05 4.00 15.25
CA GLY A 194 2.31 5.25 15.53
C GLY A 194 2.64 5.86 16.89
N PRO A 195 2.32 7.15 17.07
CA PRO A 195 2.77 7.85 18.28
C PRO A 195 1.86 7.70 19.50
N GLU A 196 0.66 7.16 19.35
CA GLU A 196 -0.19 6.95 20.53
C GLU A 196 -0.50 5.47 20.73
N GLY A 197 -0.36 5.00 21.97
CA GLY A 197 -0.76 3.65 22.31
C GLY A 197 0.29 2.60 22.10
N ASN A 198 1.53 3.02 21.91
CA ASN A 198 2.59 2.06 21.83
C ASN A 198 3.39 2.01 23.13
N TYR A 199 3.57 0.81 23.66
CA TYR A 199 4.27 0.67 24.94
C TYR A 199 5.63 -0.06 24.89
N MET A 200 6.07 -0.40 23.68
CA MET A 200 7.31 -1.15 23.46
C MET A 200 8.52 -0.52 24.13
N VAL A 201 8.60 0.81 24.13
CA VAL A 201 9.73 1.54 24.69
C VAL A 201 9.97 1.25 26.17
N LYS A 202 8.94 0.75 26.86
CA LYS A 202 9.06 0.40 28.25
C LYS A 202 9.66 -1.00 28.43
N LEU A 203 9.73 -1.78 27.34
CA LEU A 203 10.09 -3.20 27.46
C LEU A 203 11.49 -3.58 26.99
N GLY A 204 11.97 -2.93 25.93
CA GLY A 204 13.25 -3.31 25.37
C GLY A 204 13.65 -2.43 24.22
N PRO A 205 14.86 -2.64 23.68
CA PRO A 205 15.32 -1.80 22.56
C PRO A 205 14.66 -2.14 21.21
N TYR A 206 13.33 -1.94 21.12
CA TYR A 206 12.59 -2.11 19.84
C TYR A 206 13.01 -1.05 18.86
N PHE A 207 13.39 0.11 19.37
CA PHE A 207 13.74 1.23 18.48
C PHE A 207 15.20 1.57 18.46
N SER A 208 15.65 2.02 17.29
CA SER A 208 17.03 2.30 17.06
C SER A 208 17.41 3.61 17.74
N GLN A 209 18.58 3.63 18.35
CA GLN A 209 19.17 4.85 18.87
C GLN A 209 20.17 5.40 17.85
N LYS A 210 20.30 4.70 16.71
CA LYS A 210 21.26 5.05 15.66
C LYS A 210 20.66 5.85 14.50
N TYR A 211 19.38 5.61 14.21
CA TYR A 211 18.79 6.13 12.99
C TYR A 211 17.59 7.02 13.22
N LYS A 212 17.45 8.02 12.36
CA LYS A 212 16.30 8.93 12.32
C LYS A 212 15.73 8.84 10.92
N THR A 213 14.42 8.65 10.80
CA THR A 213 13.76 8.68 9.49
C THR A 213 12.80 9.89 9.39
N PRO A 214 12.32 10.24 8.15
CA PRO A 214 11.28 11.26 8.04
C PRO A 214 10.24 11.08 9.15
N TRP A 215 9.74 9.86 9.27
CA TRP A 215 8.82 9.50 10.35
C TRP A 215 9.30 9.91 11.75
N GLY A 216 10.57 9.63 12.05
CA GLY A 216 11.12 9.80 13.40
C GLY A 216 11.94 8.59 13.78
N LEU A 217 11.53 7.90 14.84
CA LEU A 217 12.21 6.68 15.30
C LEU A 217 11.91 5.50 14.36
N THR A 218 12.82 4.54 14.33
CA THR A 218 12.61 3.34 13.53
C THR A 218 12.95 2.10 14.35
N PHE A 219 12.53 0.93 13.84
CA PHE A 219 12.88 -0.33 14.49
C PHE A 219 14.40 -0.57 14.50
N ASN A 220 14.83 -1.27 15.55
CA ASN A 220 16.22 -1.70 15.72
C ASN A 220 16.50 -3.08 15.10
N PHE A 221 17.10 -3.08 13.92
CA PHE A 221 17.39 -4.32 13.20
C PHE A 221 18.85 -4.81 13.25
N ASP A 222 19.75 -3.98 13.76
CA ASP A 222 21.16 -4.30 13.65
C ASP A 222 22.02 -3.88 14.83
N ASP A 223 21.40 -3.50 15.93
CA ASP A 223 22.14 -3.09 17.12
C ASP A 223 21.92 -4.11 18.25
N ALA A 224 22.43 -3.82 19.44
CA ALA A 224 22.24 -4.70 20.61
C ALA A 224 20.78 -5.12 20.76
N GLU A 225 20.56 -6.40 21.05
CA GLU A 225 19.19 -6.95 21.28
C GLU A 225 18.31 -7.03 20.03
N SER A 226 18.86 -6.81 18.84
CA SER A 226 17.98 -6.70 17.66
C SER A 226 17.48 -8.05 17.10
N ASP A 227 18.08 -9.16 17.52
CA ASP A 227 17.61 -10.50 17.09
C ASP A 227 16.08 -10.61 17.29
N GLU A 228 15.61 -10.13 18.43
CA GLU A 228 14.23 -10.38 18.85
C GLU A 228 13.31 -9.46 18.11
N VAL A 229 13.81 -8.27 17.79
CA VAL A 229 13.03 -7.41 16.95
C VAL A 229 12.92 -7.85 15.49
N ARG A 230 13.99 -8.44 14.94
CA ARG A 230 13.88 -9.09 13.64
C ARG A 230 12.79 -10.20 13.70
N LYS A 231 12.78 -11.01 14.75
CA LYS A 231 11.75 -12.06 14.93
C LYS A 231 10.34 -11.49 15.00
N PHE A 232 10.16 -10.40 15.75
CA PHE A 232 8.87 -9.77 15.88
C PHE A 232 8.29 -9.43 14.49
N ILE A 233 9.11 -8.91 13.60
CA ILE A 233 8.68 -8.57 12.24
C ILE A 233 8.49 -9.82 11.36
N LEU A 234 9.49 -10.72 11.35
CA LEU A 234 9.43 -11.92 10.52
C LEU A 234 8.26 -12.82 10.89
N GLU A 235 7.99 -12.94 12.17
CA GLU A 235 6.83 -13.73 12.62
C GLU A 235 5.51 -13.07 12.28
N ASN A 236 5.52 -11.74 12.15
CA ASN A 236 4.33 -11.02 11.76
C ASN A 236 3.92 -11.35 10.33
N VAL A 237 4.91 -11.45 9.44
CA VAL A 237 4.55 -11.80 8.08
C VAL A 237 4.01 -13.21 8.01
N GLU A 238 4.70 -14.13 8.66
CA GLU A 238 4.24 -15.49 8.81
C GLU A 238 2.81 -15.52 9.43
N TYR A 239 2.56 -14.67 10.42
CA TYR A 239 1.26 -14.64 11.08
C TYR A 239 0.08 -14.29 10.12
N TRP A 240 0.26 -13.27 9.28
CA TRP A 240 -0.80 -12.85 8.38
C TRP A 240 -1.14 -13.92 7.36
N ILE A 241 -0.10 -14.64 6.91
CA ILE A 241 -0.27 -15.73 5.98
C ILE A 241 -1.01 -16.93 6.65
N LYS A 242 -0.54 -17.42 7.80
CA LYS A 242 -1.09 -18.65 8.38
C LYS A 242 -2.45 -18.43 9.02
N GLU A 243 -2.57 -17.29 9.67
CA GLU A 243 -3.72 -17.02 10.51
C GLU A 243 -4.88 -16.40 9.71
N TYR A 244 -4.54 -15.62 8.67
CA TYR A 244 -5.55 -14.97 7.85
C TYR A 244 -5.58 -15.40 6.39
N ASN A 245 -4.58 -16.17 5.94
CA ASN A 245 -4.57 -16.68 4.56
C ASN A 245 -4.43 -15.59 3.49
N VAL A 246 -3.81 -14.51 3.87
CA VAL A 246 -3.50 -13.39 3.01
C VAL A 246 -2.66 -13.84 1.79
N ASP A 247 -2.85 -13.18 0.65
CA ASP A 247 -2.15 -13.54 -0.60
C ASP A 247 -0.79 -12.85 -0.76
N GLY A 248 -0.64 -11.72 -0.07
CA GLY A 248 0.53 -10.92 -0.24
C GLY A 248 0.53 -9.66 0.59
N PHE A 249 1.61 -8.91 0.43
CA PHE A 249 1.86 -7.74 1.22
C PHE A 249 2.32 -6.57 0.38
N ARG A 250 2.02 -5.37 0.87
CA ARG A 250 2.60 -4.19 0.33
C ARG A 250 3.35 -3.48 1.48
N LEU A 251 4.69 -3.47 1.41
CA LEU A 251 5.47 -2.93 2.50
C LEU A 251 5.60 -1.43 2.41
N GLU A 252 5.06 -0.72 3.41
CA GLU A 252 5.23 0.72 3.51
C GLU A 252 6.69 1.11 3.70
N ALA A 253 7.07 2.17 2.97
CA ALA A 253 8.35 2.88 3.07
C ALA A 253 9.58 2.01 3.36
N VAL A 254 9.94 1.14 2.43
CA VAL A 254 11.10 0.29 2.64
C VAL A 254 12.42 1.08 2.75
N HIS A 255 12.47 2.29 2.24
CA HIS A 255 13.65 3.17 2.39
C HIS A 255 13.86 3.60 3.84
N ALA A 256 12.87 3.36 4.70
CA ALA A 256 12.94 3.68 6.12
C ALA A 256 13.18 2.43 6.98
N ILE A 257 13.39 1.29 6.33
CA ILE A 257 13.80 0.06 7.01
C ILE A 257 15.32 -0.08 6.88
N ILE A 258 16.04 0.37 7.92
CA ILE A 258 17.47 0.54 7.89
C ILE A 258 18.18 -0.66 8.51
N ASP A 259 19.10 -1.27 7.76
CA ASP A 259 19.76 -2.47 8.26
C ASP A 259 21.16 -2.68 7.66
N THR A 260 22.17 -2.71 8.52
CA THR A 260 23.52 -2.87 8.03
C THR A 260 24.00 -4.31 8.26
N SER A 261 23.10 -5.19 8.70
CA SER A 261 23.45 -6.60 8.93
C SER A 261 24.00 -7.28 7.67
N PRO A 262 24.68 -8.42 7.86
CA PRO A 262 25.17 -9.18 6.72
C PRO A 262 24.06 -9.56 5.71
N LYS A 263 22.86 -9.83 6.21
CA LYS A 263 21.70 -10.07 5.36
C LYS A 263 20.57 -9.12 5.77
N HIS A 264 20.15 -8.27 4.84
CA HIS A 264 19.16 -7.28 5.10
C HIS A 264 17.80 -7.89 5.53
N ILE A 265 17.16 -7.28 6.52
CA ILE A 265 15.83 -7.71 6.99
C ILE A 265 14.82 -7.77 5.84
N LEU A 266 15.01 -6.91 4.82
CA LEU A 266 14.16 -6.90 3.64
C LEU A 266 14.30 -8.18 2.83
N GLU A 267 15.53 -8.66 2.73
CA GLU A 267 15.72 -9.92 2.06
C GLU A 267 15.05 -11.07 2.86
N GLU A 268 15.09 -10.98 4.19
CA GLU A 268 14.52 -12.03 5.02
C GLU A 268 13.01 -12.05 5.00
N ILE A 269 12.43 -10.85 4.93
CA ILE A 269 11.00 -10.66 4.75
C ILE A 269 10.54 -11.36 3.47
N ALA A 270 11.22 -11.12 2.35
CA ALA A 270 10.87 -11.77 1.09
C ALA A 270 11.08 -13.28 1.17
N ASP A 271 12.11 -13.73 1.89
CA ASP A 271 12.28 -15.17 2.11
C ASP A 271 11.05 -15.77 2.78
N VAL A 272 10.50 -15.06 3.77
CA VAL A 272 9.38 -15.61 4.49
C VAL A 272 8.16 -15.66 3.56
N VAL A 273 7.91 -14.56 2.82
CA VAL A 273 6.75 -14.58 1.92
C VAL A 273 6.87 -15.59 0.81
N HIS A 274 8.07 -15.81 0.31
CA HIS A 274 8.29 -16.79 -0.75
C HIS A 274 8.31 -18.24 -0.28
N LYS A 275 8.72 -18.48 0.96
CA LYS A 275 8.65 -19.80 1.52
C LYS A 275 7.20 -20.28 1.51
N TYR A 276 6.26 -19.35 1.70
CA TYR A 276 4.84 -19.66 1.66
C TYR A 276 4.21 -19.30 0.33
N ASN A 277 5.04 -19.14 -0.70
CA ASN A 277 4.56 -18.93 -2.08
C ASN A 277 3.62 -17.74 -2.19
N ARG A 278 3.87 -16.69 -1.43
CA ARG A 278 3.08 -15.46 -1.54
C ARG A 278 3.82 -14.40 -2.36
N ILE A 279 3.24 -13.20 -2.42
CA ILE A 279 3.82 -12.07 -3.16
C ILE A 279 4.07 -10.85 -2.24
N VAL A 280 5.20 -10.17 -2.43
CA VAL A 280 5.49 -8.93 -1.71
C VAL A 280 5.79 -7.80 -2.69
N ILE A 281 5.24 -6.63 -2.38
CA ILE A 281 5.43 -5.42 -3.16
C ILE A 281 6.00 -4.37 -2.20
N ALA A 282 6.99 -3.60 -2.66
CA ALA A 282 7.57 -2.55 -1.82
C ALA A 282 7.18 -1.15 -2.29
N GLU A 283 6.82 -0.28 -1.34
CA GLU A 283 6.84 1.14 -1.60
C GLU A 283 8.29 1.58 -1.37
N SER A 284 8.95 2.04 -2.42
CA SER A 284 10.35 2.49 -2.31
C SER A 284 10.61 3.84 -2.95
N ASP A 285 11.24 4.74 -2.21
CA ASP A 285 11.67 6.02 -2.73
C ASP A 285 13.14 5.97 -3.19
N LEU A 286 13.74 4.78 -3.32
CA LEU A 286 15.19 4.68 -3.61
C LEU A 286 15.55 4.77 -5.08
N ASN A 287 14.62 4.41 -5.97
CA ASN A 287 14.91 4.23 -7.39
C ASN A 287 16.14 3.36 -7.54
N ASP A 288 16.12 2.22 -6.84
CA ASP A 288 17.27 1.33 -6.73
C ASP A 288 16.78 -0.09 -6.91
N PRO A 289 17.22 -0.74 -7.99
CA PRO A 289 16.73 -2.07 -8.39
C PRO A 289 17.11 -3.20 -7.42
N ARG A 290 18.00 -2.90 -6.45
CA ARG A 290 18.34 -3.92 -5.47
C ARG A 290 17.13 -4.40 -4.68
N VAL A 291 16.12 -3.55 -4.54
CA VAL A 291 14.88 -3.94 -3.85
C VAL A 291 14.22 -5.15 -4.57
N VAL A 292 14.18 -5.11 -5.90
CA VAL A 292 13.51 -6.18 -6.67
C VAL A 292 14.44 -7.15 -7.41
N ASN A 293 15.74 -6.86 -7.43
CA ASN A 293 16.69 -7.73 -8.10
C ASN A 293 16.67 -9.11 -7.42
N PRO A 294 16.89 -10.17 -8.21
CA PRO A 294 17.11 -11.48 -7.55
C PRO A 294 18.39 -11.47 -6.69
N LYS A 295 18.49 -12.41 -5.75
CA LYS A 295 19.66 -12.52 -4.87
C LYS A 295 20.98 -12.69 -5.61
N GLU A 296 20.94 -13.39 -6.74
CA GLU A 296 22.13 -13.64 -7.57
C GLU A 296 22.65 -12.34 -8.17
N LYS A 297 21.77 -11.34 -8.28
CA LYS A 297 22.19 -10.00 -8.65
C LYS A 297 22.24 -9.05 -7.44
N CYS A 298 22.48 -9.61 -6.25
CA CYS A 298 22.73 -8.79 -5.03
C CYS A 298 21.46 -8.06 -4.51
N GLY A 299 20.28 -8.48 -4.98
CA GLY A 299 19.02 -7.84 -4.57
C GLY A 299 18.26 -8.56 -3.44
N TYR A 300 17.20 -7.93 -2.95
CA TYR A 300 16.39 -8.53 -1.90
C TYR A 300 15.34 -9.49 -2.45
N ASN A 301 15.17 -9.50 -3.78
CA ASN A 301 14.21 -10.39 -4.46
C ASN A 301 12.73 -10.15 -4.10
N ILE A 302 12.40 -8.94 -3.67
CA ILE A 302 11.01 -8.52 -3.53
C ILE A 302 10.33 -8.54 -4.94
N ASP A 303 9.06 -8.94 -5.02
CA ASP A 303 8.42 -9.22 -6.30
C ASP A 303 8.26 -7.98 -7.19
N ALA A 304 7.88 -6.85 -6.59
CA ALA A 304 7.64 -5.64 -7.36
C ALA A 304 7.79 -4.45 -6.43
N GLN A 305 8.00 -3.29 -7.01
CA GLN A 305 8.00 -2.01 -6.26
C GLN A 305 7.13 -0.93 -6.93
N TRP A 306 6.57 -0.06 -6.11
CA TRP A 306 5.91 1.13 -6.58
C TRP A 306 6.93 2.04 -7.26
N VAL A 307 6.53 2.61 -8.40
CA VAL A 307 7.38 3.55 -9.14
C VAL A 307 6.63 4.90 -9.23
N ASP A 308 6.89 5.80 -8.26
CA ASP A 308 6.27 7.15 -8.26
C ASP A 308 6.63 7.97 -9.51
N ASP A 309 7.77 7.68 -10.12
CA ASP A 309 8.25 8.46 -11.28
C ASP A 309 7.20 8.43 -12.40
N PHE A 310 6.51 7.29 -12.53
CA PHE A 310 5.53 7.11 -13.61
C PHE A 310 4.31 8.04 -13.35
N HIS A 311 3.67 7.88 -12.20
CA HIS A 311 2.65 8.85 -11.73
C HIS A 311 3.10 10.31 -11.85
N HIS A 312 4.29 10.65 -11.33
CA HIS A 312 4.70 12.07 -11.29
C HIS A 312 4.84 12.68 -12.66
N SER A 313 5.30 11.87 -13.59
CA SER A 313 5.60 12.36 -14.91
C SER A 313 4.25 12.61 -15.59
N ILE A 314 3.26 11.76 -15.34
CA ILE A 314 1.94 11.98 -15.94
C ILE A 314 1.24 13.18 -15.29
N HIS A 315 1.18 13.16 -13.95
CA HIS A 315 0.56 14.23 -13.19
C HIS A 315 1.13 15.62 -13.50
N ALA A 316 2.46 15.77 -13.39
CA ALA A 316 3.09 17.06 -13.66
C ALA A 316 2.84 17.51 -15.10
N TYR A 317 2.92 16.60 -16.06
CA TYR A 317 2.71 17.01 -17.45
C TYR A 317 1.26 17.47 -17.65
N LEU A 318 0.31 16.65 -17.21
CA LEU A 318 -1.10 16.95 -17.46
C LEU A 318 -1.65 18.14 -16.66
N THR A 319 -1.15 18.37 -15.45
CA THR A 319 -1.75 19.39 -14.57
C THR A 319 -1.04 20.74 -14.64
N GLY A 320 0.24 20.73 -15.05
CA GLY A 320 1.10 21.93 -15.00
C GLY A 320 1.73 22.23 -13.63
N GLU A 321 1.47 21.37 -12.65
CA GLU A 321 1.99 21.51 -11.29
C GLU A 321 3.50 21.21 -11.15
N ARG A 322 4.20 22.04 -10.37
CA ARG A 322 5.64 21.91 -10.15
C ARG A 322 6.00 22.04 -8.67
N GLN A 323 4.99 22.11 -7.79
CA GLN A 323 5.26 22.23 -6.35
C GLN A 323 5.81 20.91 -5.77
N GLY A 324 6.61 21.02 -4.71
CA GLY A 324 7.26 19.86 -4.06
C GLY A 324 7.99 18.97 -5.06
N TYR A 325 7.76 17.64 -4.98
CA TYR A 325 8.49 16.75 -5.88
C TYR A 325 8.15 16.88 -7.38
N TYR A 326 7.07 17.58 -7.73
CA TYR A 326 6.70 17.75 -9.14
C TYR A 326 7.69 18.62 -9.90
N THR A 327 8.45 19.41 -9.16
CA THR A 327 9.49 20.22 -9.75
C THR A 327 10.50 19.40 -10.54
N ASP A 328 10.64 18.12 -10.18
CA ASP A 328 11.60 17.25 -10.87
C ASP A 328 11.03 16.72 -12.18
N PHE A 329 9.77 17.05 -12.48
CA PHE A 329 9.06 16.48 -13.63
C PHE A 329 8.41 17.61 -14.45
N GLY A 330 7.63 17.24 -15.47
CA GLY A 330 6.80 18.21 -16.16
C GLY A 330 6.82 18.12 -17.66
N ASN A 331 7.87 17.54 -18.24
CA ASN A 331 7.97 17.42 -19.70
C ASN A 331 7.35 16.12 -20.22
N LEU A 332 6.90 16.16 -21.47
CA LEU A 332 6.43 14.96 -22.16
C LEU A 332 7.57 13.91 -22.14
N ASP A 333 8.79 14.35 -22.41
CA ASP A 333 9.98 13.48 -22.31
C ASP A 333 9.99 12.58 -21.08
N ASP A 334 9.47 13.06 -19.95
CA ASP A 334 9.52 12.30 -18.69
C ASP A 334 8.59 11.10 -18.73
N ILE A 335 7.40 11.28 -19.30
CA ILE A 335 6.52 10.15 -19.54
C ILE A 335 7.14 9.09 -20.47
N VAL A 336 7.79 9.52 -21.57
CA VAL A 336 8.37 8.53 -22.45
C VAL A 336 9.54 7.81 -21.80
N LYS A 337 10.33 8.57 -21.05
CA LYS A 337 11.41 8.00 -20.25
C LYS A 337 10.90 6.90 -19.28
N SER A 338 9.89 7.21 -18.50
CA SER A 338 9.36 6.21 -17.60
C SER A 338 8.72 5.01 -18.37
N TYR A 339 8.12 5.25 -19.52
CA TYR A 339 7.57 4.15 -20.30
C TYR A 339 8.69 3.23 -20.84
N LYS A 340 9.87 3.79 -21.08
CA LYS A 340 10.94 2.98 -21.65
C LYS A 340 11.89 2.39 -20.61
N ASP A 341 12.25 3.22 -19.63
CA ASP A 341 13.35 2.96 -18.72
C ASP A 341 12.89 2.77 -17.27
N VAL A 342 11.56 2.84 -17.06
CA VAL A 342 10.92 2.74 -15.72
C VAL A 342 11.17 3.96 -14.82
N PHE A 343 12.43 4.16 -14.40
CA PHE A 343 12.78 5.33 -13.60
C PHE A 343 13.06 6.54 -14.47
N VAL A 344 12.55 7.71 -14.10
CA VAL A 344 13.01 8.94 -14.73
C VAL A 344 14.35 9.36 -14.12
N TYR A 345 14.45 9.20 -12.81
CA TYR A 345 15.69 9.46 -12.10
C TYR A 345 16.45 8.14 -11.93
N ASP A 346 17.26 7.84 -12.94
CA ASP A 346 17.95 6.57 -13.04
C ASP A 346 19.45 6.82 -12.83
N GLY A 347 19.77 7.76 -11.95
CA GLY A 347 21.17 8.13 -11.70
C GLY A 347 21.39 9.52 -12.25
N LYS A 348 20.49 10.44 -11.93
CA LYS A 348 20.56 11.75 -12.56
C LYS A 348 20.30 12.79 -11.50
N TYR A 349 20.89 13.98 -11.66
CA TYR A 349 20.76 15.03 -10.64
C TYR A 349 19.29 15.50 -10.43
N SER A 350 18.87 15.50 -9.17
CA SER A 350 17.50 15.90 -8.80
C SER A 350 17.58 17.23 -8.07
N ASN A 351 16.96 18.26 -8.63
CA ASN A 351 16.91 19.56 -7.95
C ASN A 351 16.08 19.50 -6.66
N PHE A 352 15.07 18.66 -6.66
CA PHE A 352 14.22 18.53 -5.50
C PHE A 352 15.04 17.92 -4.35
N ARG A 353 15.80 16.86 -4.65
CA ARG A 353 16.53 16.11 -3.62
C ARG A 353 17.93 16.68 -3.35
N ARG A 354 18.37 17.59 -4.22
CA ARG A 354 19.71 18.16 -4.19
C ARG A 354 20.83 17.11 -4.21
N LYS A 355 20.64 16.08 -5.03
CA LYS A 355 21.63 15.04 -5.19
C LYS A 355 21.35 14.21 -6.42
N THR A 356 22.33 13.41 -6.81
CA THR A 356 22.15 12.43 -7.86
C THR A 356 21.25 11.31 -7.28
N HIS A 357 20.26 10.90 -8.05
CA HIS A 357 19.25 9.97 -7.56
C HIS A 357 18.97 8.84 -8.54
N GLY A 358 18.91 7.62 -7.99
CA GLY A 358 18.49 6.46 -8.74
C GLY A 358 19.60 5.69 -9.42
N GLU A 359 19.21 4.63 -10.14
CA GLU A 359 20.10 3.68 -10.76
C GLU A 359 19.27 3.00 -11.85
N PRO A 360 19.87 2.74 -13.04
CA PRO A 360 19.05 2.04 -14.04
C PRO A 360 18.61 0.64 -13.55
N VAL A 361 17.58 0.15 -14.18
CA VAL A 361 16.85 -1.03 -13.79
C VAL A 361 17.28 -2.27 -14.61
N GLY A 362 18.04 -2.07 -15.67
CA GLY A 362 18.44 -3.18 -16.53
C GLY A 362 17.28 -3.78 -17.35
N GLU A 363 17.30 -5.12 -17.45
CA GLU A 363 16.33 -5.85 -18.24
C GLU A 363 15.17 -6.39 -17.41
N LEU A 364 15.06 -6.03 -16.13
CA LEU A 364 13.88 -6.40 -15.35
C LEU A 364 12.58 -6.17 -16.13
N ASP A 365 11.73 -7.20 -16.19
CA ASP A 365 10.49 -7.05 -16.92
C ASP A 365 9.45 -6.19 -16.16
N GLY A 366 8.35 -5.85 -16.83
CA GLY A 366 7.45 -4.83 -16.33
C GLY A 366 6.73 -5.19 -15.04
N CYS A 367 6.57 -6.48 -14.78
CA CYS A 367 5.87 -6.92 -13.59
C CYS A 367 6.71 -6.91 -12.29
N ASN A 368 7.90 -6.33 -12.33
CA ASN A 368 8.61 -5.95 -11.11
C ASN A 368 8.24 -4.53 -10.66
N PHE A 369 7.27 -3.92 -11.32
CA PHE A 369 6.97 -2.55 -11.02
C PHE A 369 5.47 -2.29 -10.93
N VAL A 370 5.07 -1.42 -10.02
CA VAL A 370 3.67 -1.01 -9.99
C VAL A 370 3.43 0.46 -10.21
N VAL A 371 2.43 0.77 -11.04
CA VAL A 371 2.15 2.18 -11.36
C VAL A 371 0.70 2.54 -11.16
N TYR A 372 0.39 3.83 -11.21
CA TYR A 372 -0.92 4.36 -10.79
C TYR A 372 -0.95 5.81 -11.18
N ILE A 373 -2.17 6.35 -11.37
CA ILE A 373 -2.34 7.80 -11.46
C ILE A 373 -2.92 8.33 -10.14
N GLN A 374 -3.39 7.42 -9.27
CA GLN A 374 -3.94 7.82 -7.99
C GLN A 374 -3.61 6.78 -6.94
N ASN A 375 -3.42 7.24 -5.71
CA ASN A 375 -3.34 6.39 -4.54
C ASN A 375 -3.50 7.28 -3.31
N HIS A 376 -3.57 6.68 -2.10
CA HIS A 376 -3.85 7.42 -0.88
C HIS A 376 -2.90 8.61 -0.65
N ASP A 377 -1.64 8.47 -1.06
CA ASP A 377 -0.63 9.54 -0.83
C ASP A 377 -0.78 10.67 -1.84
N GLN A 378 -0.88 10.28 -3.10
CA GLN A 378 -0.90 11.24 -4.20
C GLN A 378 -2.19 12.04 -4.20
N VAL A 379 -3.23 11.53 -3.54
CA VAL A 379 -4.40 12.35 -3.31
C VAL A 379 -4.34 12.99 -1.92
N GLY A 380 -4.10 12.15 -0.91
CA GLY A 380 -4.25 12.55 0.47
C GLY A 380 -3.18 13.47 1.03
N ASN A 381 -1.99 13.48 0.43
CA ASN A 381 -0.95 14.38 0.86
C ASN A 381 -1.11 15.80 0.29
N ARG A 382 -2.07 15.97 -0.61
CA ARG A 382 -2.44 17.28 -1.06
C ARG A 382 -3.28 17.94 0.05
N GLY A 383 -2.94 19.18 0.39
CA GLY A 383 -3.68 19.93 1.41
C GLY A 383 -5.21 19.85 1.24
N LYS A 384 -5.67 20.11 0.02
CA LYS A 384 -7.11 20.00 -0.27
C LYS A 384 -7.58 18.59 -0.70
N GLY A 385 -6.69 17.60 -0.66
CA GLY A 385 -7.06 16.20 -0.95
C GLY A 385 -7.73 15.95 -2.29
N GLU A 386 -7.42 16.76 -3.31
CA GLU A 386 -8.08 16.66 -4.60
C GLU A 386 -7.65 15.45 -5.44
N ARG A 387 -8.64 14.70 -5.93
CA ARG A 387 -8.40 13.66 -6.92
C ARG A 387 -8.02 14.30 -8.27
N ILE A 388 -7.35 13.54 -9.13
CA ILE A 388 -6.76 14.12 -10.32
C ILE A 388 -7.87 14.58 -11.28
N ILE A 389 -9.03 13.95 -11.11
CA ILE A 389 -10.22 14.33 -11.85
C ILE A 389 -10.58 15.82 -11.74
N LYS A 390 -10.16 16.46 -10.65
CA LYS A 390 -10.46 17.90 -10.41
C LYS A 390 -9.39 18.81 -11.01
N LEU A 391 -8.33 18.20 -11.53
CA LEU A 391 -7.12 18.94 -11.90
C LEU A 391 -6.87 18.95 -13.40
N VAL A 392 -7.60 18.10 -14.13
CA VAL A 392 -7.47 17.96 -15.60
C VAL A 392 -8.89 17.84 -16.22
N ASP A 393 -9.01 18.06 -17.52
CA ASP A 393 -10.33 17.97 -18.14
C ASP A 393 -10.71 16.51 -18.42
N ARG A 394 -11.91 16.25 -18.95
CA ARG A 394 -12.38 14.87 -19.10
C ARG A 394 -11.45 14.01 -19.95
N GLU A 395 -11.01 14.54 -21.09
CA GLU A 395 -10.13 13.81 -22.02
C GLU A 395 -8.79 13.50 -21.36
N SER A 396 -8.19 14.49 -20.72
CA SER A 396 -6.93 14.25 -20.03
C SER A 396 -7.09 13.13 -18.99
N TYR A 397 -8.23 13.08 -18.31
CA TYR A 397 -8.44 12.06 -17.28
C TYR A 397 -8.43 10.68 -17.92
N LYS A 398 -9.20 10.53 -19.00
CA LYS A 398 -9.20 9.30 -19.77
C LYS A 398 -7.81 8.90 -20.36
N ILE A 399 -7.11 9.88 -20.91
CA ILE A 399 -5.75 9.68 -21.43
C ILE A 399 -4.83 9.16 -20.32
N ALA A 400 -4.90 9.80 -19.13
CA ALA A 400 -4.09 9.36 -17.97
C ALA A 400 -4.42 7.91 -17.58
N ALA A 401 -5.71 7.55 -17.59
CA ALA A 401 -6.11 6.19 -17.21
C ALA A 401 -5.56 5.19 -18.19
N ALA A 402 -5.61 5.53 -19.49
CA ALA A 402 -5.08 4.63 -20.53
C ALA A 402 -3.57 4.43 -20.40
N LEU A 403 -2.87 5.51 -20.11
CA LEU A 403 -1.42 5.46 -20.09
C LEU A 403 -0.91 4.45 -19.07
N TYR A 404 -1.55 4.35 -17.90
CA TYR A 404 -1.05 3.39 -16.92
C TYR A 404 -1.67 2.01 -17.04
N LEU A 405 -2.96 1.96 -17.34
CA LEU A 405 -3.62 0.67 -17.51
C LEU A 405 -3.06 -0.10 -18.69
N LEU A 406 -2.58 0.59 -19.73
CA LEU A 406 -2.00 -0.09 -20.91
C LEU A 406 -0.45 -0.13 -20.89
N SER A 407 0.14 0.18 -19.74
CA SER A 407 1.59 0.16 -19.61
C SER A 407 2.07 -1.26 -19.34
N PRO A 408 3.38 -1.51 -19.51
CA PRO A 408 3.95 -2.83 -19.21
C PRO A 408 3.90 -3.17 -17.72
N TYR A 409 3.61 -2.18 -16.88
CA TYR A 409 3.72 -2.37 -15.42
C TYR A 409 2.42 -2.87 -14.80
N ILE A 410 2.52 -3.35 -13.56
CA ILE A 410 1.34 -3.72 -12.78
C ILE A 410 0.59 -2.45 -12.39
N PRO A 411 -0.68 -2.35 -12.80
CA PRO A 411 -1.43 -1.13 -12.47
C PRO A 411 -2.21 -1.24 -11.17
N MET A 412 -2.28 -0.11 -10.47
CA MET A 412 -3.07 -0.02 -9.27
C MET A 412 -4.08 1.12 -9.39
N ILE A 413 -5.36 0.76 -9.23
CA ILE A 413 -6.49 1.69 -9.27
C ILE A 413 -6.79 2.16 -7.84
N PHE A 414 -6.98 3.45 -7.66
CA PHE A 414 -7.37 3.97 -6.35
C PHE A 414 -8.89 3.98 -6.20
N MET A 415 -9.38 3.45 -5.08
CA MET A 415 -10.86 3.31 -4.89
C MET A 415 -11.66 4.54 -5.35
N GLY A 416 -12.61 4.32 -6.27
CA GLY A 416 -13.47 5.43 -6.76
C GLY A 416 -13.01 6.08 -8.07
N GLU A 417 -11.72 6.01 -8.34
CA GLU A 417 -11.11 6.52 -9.59
C GLU A 417 -11.87 6.03 -10.85
N GLU A 418 -12.24 4.75 -10.81
CA GLU A 418 -12.75 4.03 -11.97
C GLU A 418 -14.17 4.45 -12.40
N TYR A 419 -14.94 5.07 -11.50
CA TYR A 419 -16.29 5.53 -11.87
C TYR A 419 -16.36 7.04 -11.84
N GLY A 420 -15.21 7.70 -11.68
CA GLY A 420 -15.10 9.14 -11.72
C GLY A 420 -15.47 9.81 -10.41
N GLU A 421 -15.08 9.21 -9.29
CA GLU A 421 -15.31 9.80 -7.97
C GLU A 421 -14.71 11.20 -7.89
N GLU A 422 -15.47 12.13 -7.34
CA GLU A 422 -15.00 13.51 -7.20
C GLU A 422 -14.68 13.94 -5.76
N ASN A 423 -15.16 13.17 -4.77
CA ASN A 423 -14.90 13.53 -3.38
C ASN A 423 -13.43 13.56 -3.08
N PRO A 424 -12.99 14.50 -2.23
CA PRO A 424 -11.58 14.47 -1.87
C PRO A 424 -11.21 13.23 -1.05
N PHE A 425 -9.90 13.00 -0.89
CA PHE A 425 -9.47 12.06 0.13
C PHE A 425 -8.48 12.80 1.00
N TYR A 426 -8.90 13.16 2.22
CA TYR A 426 -8.10 14.01 3.09
C TYR A 426 -7.24 13.16 4.01
N PHE A 427 -6.20 13.74 4.60
CA PHE A 427 -5.55 13.13 5.75
C PHE A 427 -6.48 13.28 6.99
N PHE A 428 -6.73 12.18 7.69
CA PHE A 428 -7.51 12.23 8.92
C PHE A 428 -6.84 11.38 9.97
N SER A 429 -7.04 11.72 11.25
CA SER A 429 -6.54 10.92 12.35
C SER A 429 -7.50 11.03 13.53
N ASP A 430 -7.25 10.20 14.55
CA ASP A 430 -8.21 10.05 15.63
C ASP A 430 -7.52 9.84 16.95
N PHE A 431 -6.43 10.59 17.15
CA PHE A 431 -5.72 10.58 18.42
C PHE A 431 -6.59 11.14 19.55
N SER A 432 -6.27 10.79 20.80
CA SER A 432 -6.95 11.40 21.93
C SER A 432 -5.98 12.21 22.78
N ASP A 433 -4.68 12.02 22.58
CA ASP A 433 -3.65 12.74 23.32
C ASP A 433 -3.59 14.17 22.84
N SER A 434 -3.76 15.14 23.75
CA SER A 434 -3.92 16.52 23.29
C SER A 434 -2.68 17.10 22.58
N LYS A 435 -1.47 16.68 22.97
CA LYS A 435 -0.23 17.11 22.29
C LYS A 435 -0.17 16.58 20.85
N LEU A 436 -0.56 15.32 20.67
CA LEU A 436 -0.57 14.71 19.33
C LEU A 436 -1.64 15.33 18.45
N ILE A 437 -2.75 15.73 19.06
CA ILE A 437 -3.85 16.36 18.33
C ILE A 437 -3.38 17.70 17.78
N GLN A 438 -2.71 18.48 18.64
CA GLN A 438 -2.12 19.75 18.26
C GLN A 438 -1.04 19.60 17.18
N GLY A 439 -0.15 18.62 17.35
CA GLY A 439 0.98 18.41 16.45
C GLY A 439 0.54 18.04 15.04
N VAL A 440 -0.43 17.15 14.93
CA VAL A 440 -0.91 16.73 13.64
C VAL A 440 -1.59 17.90 12.91
N ARG A 441 -2.35 18.72 13.62
CA ARG A 441 -3.06 19.86 13.02
C ARG A 441 -2.06 20.87 12.51
N GLU A 442 -1.05 21.16 13.33
CA GLU A 442 -0.05 22.13 12.98
C GLU A 442 0.83 21.63 11.83
N GLY A 443 1.19 20.35 11.88
CA GLY A 443 2.03 19.71 10.88
C GLY A 443 1.39 19.61 9.51
N ARG A 444 0.13 19.17 9.47
CA ARG A 444 -0.63 19.11 8.22
C ARG A 444 -0.89 20.49 7.61
N LYS A 445 -1.06 21.49 8.46
CA LYS A 445 -1.26 22.87 8.00
C LYS A 445 0.06 23.41 7.39
N LYS A 446 1.16 23.23 8.11
CA LYS A 446 2.46 23.76 7.66
C LYS A 446 3.03 22.99 6.46
N GLU A 447 3.07 21.66 6.57
CA GLU A 447 3.66 20.81 5.54
C GLU A 447 2.80 20.66 4.26
N ASN A 448 1.47 20.51 4.43
CA ASN A 448 0.61 20.15 3.30
C ASN A 448 -0.35 21.26 2.86
N GLY A 449 -0.49 22.29 3.70
CA GLY A 449 -1.42 23.36 3.47
C GLY A 449 -2.83 22.85 3.65
N GLN A 450 -3.01 21.89 4.56
CA GLN A 450 -4.33 21.34 4.84
C GLN A 450 -5.11 22.29 5.72
N ASP A 451 -6.24 22.75 5.23
CA ASP A 451 -7.12 23.63 6.00
C ASP A 451 -8.21 22.90 6.77
N THR A 452 -8.72 21.79 6.26
CA THR A 452 -9.63 20.99 7.05
C THR A 452 -8.85 20.40 8.24
N ASP A 453 -9.54 20.25 9.35
CA ASP A 453 -8.97 19.68 10.55
C ASP A 453 -8.90 18.14 10.42
N PRO A 454 -7.68 17.58 10.43
CA PRO A 454 -7.50 16.12 10.40
C PRO A 454 -8.26 15.39 11.50
N GLN A 455 -8.42 16.03 12.65
CA GLN A 455 -9.06 15.41 13.82
C GLN A 455 -10.57 15.69 13.89
N ASP A 456 -11.10 16.41 12.90
CA ASP A 456 -12.53 16.62 12.85
C ASP A 456 -13.17 15.49 12.07
N GLU A 457 -14.18 14.86 12.67
CA GLU A 457 -14.92 13.80 12.01
C GLU A 457 -15.46 14.14 10.60
N SER A 458 -15.81 15.40 10.35
CA SER A 458 -16.35 15.75 9.06
C SER A 458 -15.31 15.66 7.92
N THR A 459 -14.03 15.69 8.32
CA THR A 459 -12.92 15.52 7.40
C THR A 459 -12.84 14.07 6.90
N PHE A 460 -13.10 13.13 7.80
CA PHE A 460 -13.29 11.72 7.47
C PHE A 460 -14.55 11.53 6.60
N ASN A 461 -15.67 12.10 7.03
CA ASN A 461 -16.93 11.97 6.32
C ASN A 461 -16.84 12.47 4.87
N ALA A 462 -16.19 13.61 4.66
CA ALA A 462 -16.02 14.18 3.32
C ALA A 462 -15.19 13.26 2.42
N SER A 463 -14.38 12.39 3.00
CA SER A 463 -13.50 11.51 2.23
C SER A 463 -14.14 10.18 1.86
N LYS A 464 -15.32 9.90 2.40
CA LYS A 464 -16.04 8.66 2.09
C LYS A 464 -16.40 8.63 0.62
N LEU A 465 -16.27 7.47 -0.05
CA LEU A 465 -16.73 7.40 -1.44
C LEU A 465 -18.23 7.70 -1.52
N SER A 466 -18.63 8.36 -2.61
CA SER A 466 -20.02 8.66 -2.90
C SER A 466 -20.72 7.55 -3.66
N TRP A 467 -19.96 6.74 -4.39
CA TRP A 467 -20.54 5.69 -5.24
C TRP A 467 -21.44 6.20 -6.37
N LYS A 468 -21.32 7.49 -6.67
CA LYS A 468 -22.07 8.10 -7.74
C LYS A 468 -21.38 7.80 -9.07
N ILE A 469 -22.00 6.90 -9.85
CA ILE A 469 -21.40 6.37 -11.05
C ILE A 469 -21.47 7.32 -12.25
N ASP A 470 -20.29 7.67 -12.77
CA ASP A 470 -20.19 8.16 -14.15
C ASP A 470 -20.06 6.94 -15.06
N GLU A 471 -21.15 6.58 -15.72
CA GLU A 471 -21.18 5.39 -16.59
C GLU A 471 -20.16 5.39 -17.73
N GLU A 472 -19.88 6.57 -18.28
CA GLU A 472 -18.99 6.69 -19.43
C GLU A 472 -17.57 6.46 -18.98
N ILE A 473 -17.22 6.98 -17.79
CA ILE A 473 -15.89 6.73 -17.24
C ILE A 473 -15.75 5.28 -16.81
N PHE A 474 -16.74 4.76 -16.09
CA PHE A 474 -16.69 3.36 -15.68
C PHE A 474 -16.57 2.40 -16.86
N SER A 475 -17.31 2.66 -17.93
CA SER A 475 -17.23 1.78 -19.08
C SER A 475 -15.83 1.78 -19.68
N PHE A 476 -15.21 2.96 -19.69
CA PHE A 476 -13.90 3.16 -20.28
C PHE A 476 -12.83 2.35 -19.48
N TYR A 477 -12.84 2.50 -18.16
CA TYR A 477 -12.00 1.67 -17.27
C TYR A 477 -12.16 0.17 -17.49
N LYS A 478 -13.42 -0.29 -17.53
CA LYS A 478 -13.73 -1.70 -17.70
C LYS A 478 -13.16 -2.25 -19.01
N ILE A 479 -13.36 -1.52 -20.10
CA ILE A 479 -12.83 -1.95 -21.39
C ILE A 479 -11.28 -1.90 -21.44
N LEU A 480 -10.68 -0.86 -20.87
CA LEU A 480 -9.22 -0.83 -20.69
C LEU A 480 -8.66 -2.10 -20.04
N ILE A 481 -9.29 -2.52 -18.93
CA ILE A 481 -8.79 -3.64 -18.16
C ILE A 481 -8.88 -4.91 -19.00
N LYS A 482 -10.02 -5.06 -19.66
CA LYS A 482 -10.28 -6.18 -20.53
C LYS A 482 -9.30 -6.22 -21.71
N MET A 483 -9.01 -5.06 -22.31
CA MET A 483 -8.10 -5.05 -23.46
C MET A 483 -6.66 -5.29 -23.06
N ARG A 484 -6.28 -4.78 -21.88
CA ARG A 484 -4.95 -5.07 -21.34
C ARG A 484 -4.68 -6.59 -21.29
N LYS A 485 -5.65 -7.36 -20.77
CA LYS A 485 -5.55 -8.84 -20.75
C LYS A 485 -5.52 -9.46 -22.15
N GLU A 486 -6.40 -9.04 -23.05
CA GLU A 486 -6.47 -9.66 -24.37
C GLU A 486 -5.25 -9.40 -25.25
N LEU A 487 -4.62 -8.24 -25.09
CA LEU A 487 -3.46 -7.84 -25.88
C LEU A 487 -2.11 -8.33 -25.26
N SER A 488 -2.19 -9.07 -24.16
CA SER A 488 -0.98 -9.57 -23.50
C SER A 488 0.00 -8.43 -23.23
N ILE A 489 -0.52 -7.27 -22.80
CA ILE A 489 0.30 -6.12 -22.50
C ILE A 489 1.16 -6.29 -21.25
N ALA A 490 0.69 -7.10 -20.31
CA ALA A 490 1.33 -7.16 -18.97
C ALA A 490 2.78 -7.63 -19.03
N CYS A 491 3.64 -6.94 -18.27
CA CYS A 491 5.07 -7.25 -18.11
C CYS A 491 6.01 -6.93 -19.29
N ASP A 492 5.43 -6.73 -20.47
CA ASP A 492 6.21 -6.68 -21.73
C ASP A 492 6.72 -5.26 -22.04
N ARG A 493 8.02 -5.07 -21.88
CA ARG A 493 8.65 -3.76 -22.01
C ARG A 493 9.10 -3.47 -23.45
N ARG A 494 8.84 -4.40 -24.37
CA ARG A 494 9.21 -4.19 -25.76
C ARG A 494 8.15 -3.30 -26.42
N VAL A 495 8.26 -2.01 -26.16
CA VAL A 495 7.35 -1.03 -26.71
C VAL A 495 8.16 0.01 -27.50
N ASN A 496 7.58 0.54 -28.56
CA ASN A 496 8.19 1.65 -29.32
C ASN A 496 7.36 2.91 -29.05
N VAL A 497 8.02 3.97 -28.62
CA VAL A 497 7.34 5.24 -28.43
C VAL A 497 7.86 6.40 -29.29
N VAL A 498 6.93 7.02 -30.03
CA VAL A 498 7.20 8.22 -30.78
C VAL A 498 6.44 9.37 -30.10
N ASN A 499 7.05 10.54 -30.04
CA ASN A 499 6.36 11.72 -29.57
C ASN A 499 6.61 12.95 -30.41
N GLY A 500 5.65 13.87 -30.41
CA GLY A 500 5.80 15.23 -31.01
C GLY A 500 5.62 16.23 -29.89
N GLU A 501 5.33 17.49 -30.19
CA GLU A 501 5.04 18.49 -29.13
C GLU A 501 3.95 17.97 -28.18
N ASN A 502 2.81 17.56 -28.75
CA ASN A 502 1.58 17.43 -28.01
C ASN A 502 0.90 16.09 -28.25
N TRP A 503 1.69 15.06 -28.50
CA TRP A 503 1.17 13.73 -28.75
C TRP A 503 2.24 12.64 -28.56
N LEU A 504 1.74 11.43 -28.34
CA LEU A 504 2.53 10.26 -28.09
C LEU A 504 1.88 9.13 -28.84
N ILE A 505 2.67 8.28 -29.47
CA ILE A 505 2.20 7.03 -30.00
C ILE A 505 3.02 5.96 -29.35
N ILE A 506 2.36 4.98 -28.76
CA ILE A 506 3.02 3.85 -28.12
C ILE A 506 2.55 2.57 -28.77
N LYS A 507 3.53 1.77 -29.23
CA LYS A 507 3.27 0.54 -29.95
C LYS A 507 3.89 -0.64 -29.20
N GLY A 508 3.06 -1.65 -28.91
CA GLY A 508 3.53 -2.92 -28.36
C GLY A 508 3.39 -4.03 -29.39
N ARG A 509 3.55 -5.27 -28.95
CA ARG A 509 3.47 -6.43 -29.84
C ARG A 509 2.16 -6.50 -30.60
N GLU A 510 1.04 -6.24 -29.92
CA GLU A 510 -0.30 -6.54 -30.46
C GLU A 510 -1.18 -5.30 -30.69
N TYR A 511 -0.69 -4.14 -30.28
CA TYR A 511 -1.49 -2.93 -30.26
C TYR A 511 -0.67 -1.68 -30.54
N PHE A 512 -1.38 -0.61 -30.92
CA PHE A 512 -0.82 0.72 -30.75
C PHE A 512 -1.83 1.70 -30.20
N SER A 513 -1.33 2.65 -29.44
CA SER A 513 -2.18 3.65 -28.84
C SER A 513 -1.76 5.05 -29.27
N LEU A 514 -2.76 5.87 -29.51
CA LEU A 514 -2.63 7.27 -29.84
C LEU A 514 -3.02 8.05 -28.60
N TYR A 515 -2.12 8.88 -28.10
CA TYR A 515 -2.41 9.79 -26.97
C TYR A 515 -2.14 11.19 -27.50
N VAL A 516 -3.22 11.90 -27.81
CA VAL A 516 -3.15 13.22 -28.43
C VAL A 516 -3.55 14.27 -27.40
N PHE A 517 -2.57 15.02 -26.89
CA PHE A 517 -2.85 15.92 -25.76
C PHE A 517 -3.46 17.21 -26.23
N SER A 518 -3.25 17.51 -27.51
CA SER A 518 -3.72 18.75 -28.09
C SER A 518 -3.88 18.51 -29.58
N LYS A 519 -4.88 19.13 -30.21
CA LYS A 519 -5.06 18.98 -31.63
C LYS A 519 -3.71 18.96 -32.39
N SER A 520 -3.48 17.88 -33.14
CA SER A 520 -2.21 17.65 -33.82
C SER A 520 -2.36 16.88 -35.12
N SER A 521 -1.48 17.17 -36.07
CA SER A 521 -1.32 16.34 -37.27
C SER A 521 -0.20 15.36 -36.99
N ILE A 522 -0.50 14.08 -37.15
CA ILE A 522 0.35 13.01 -36.68
C ILE A 522 0.57 11.99 -37.80
N GLU A 523 1.81 11.57 -38.01
CA GLU A 523 2.11 10.45 -38.90
C GLU A 523 1.88 9.13 -38.17
N VAL A 524 0.94 8.33 -38.68
CA VAL A 524 0.62 7.02 -38.10
C VAL A 524 1.27 5.95 -38.96
N LYS A 525 2.12 5.14 -38.33
CA LYS A 525 3.01 4.20 -39.01
C LYS A 525 2.44 2.80 -39.05
N TYR A 526 1.27 2.61 -38.45
CA TYR A 526 0.67 1.27 -38.30
C TYR A 526 -0.78 1.23 -38.83
N SER A 527 -1.25 0.01 -39.10
CA SER A 527 -2.64 -0.31 -39.42
C SER A 527 -3.32 -0.99 -38.25
N GLY A 528 -4.60 -0.75 -38.09
CA GLY A 528 -5.32 -1.46 -37.08
C GLY A 528 -6.79 -1.17 -36.97
N THR A 529 -7.43 -1.88 -36.05
CA THR A 529 -8.82 -1.73 -35.84
C THR A 529 -9.11 -1.29 -34.43
N LEU A 530 -10.02 -0.32 -34.31
CA LEU A 530 -10.27 0.37 -33.06
C LEU A 530 -10.87 -0.53 -31.97
N LEU A 531 -10.28 -0.49 -30.79
CA LEU A 531 -10.75 -1.28 -29.68
C LEU A 531 -11.48 -0.37 -28.72
N LEU A 532 -10.92 0.82 -28.51
CA LEU A 532 -11.47 1.72 -27.55
C LEU A 532 -11.01 3.13 -27.87
N SER A 533 -11.85 4.07 -27.50
CA SER A 533 -11.55 5.45 -27.76
C SER A 533 -12.13 6.32 -26.65
N SER A 534 -11.45 7.41 -26.33
CA SER A 534 -11.99 8.37 -25.35
C SER A 534 -13.15 9.25 -25.88
N ASN A 535 -13.31 9.33 -27.21
CA ASN A 535 -14.44 10.03 -27.86
C ASN A 535 -14.77 9.32 -29.19
N ASN A 536 -15.71 9.79 -29.98
CA ASN A 536 -15.98 9.05 -31.22
C ASN A 536 -15.42 9.65 -32.50
N SER A 537 -14.36 10.45 -32.35
CA SER A 537 -13.77 11.10 -33.50
C SER A 537 -12.71 10.23 -34.24
N PHE A 538 -12.35 9.09 -33.66
CA PHE A 538 -11.32 8.19 -34.22
C PHE A 538 -11.95 7.11 -35.12
N PRO A 539 -11.29 6.75 -36.23
CA PRO A 539 -11.95 5.83 -37.19
C PRO A 539 -11.95 4.37 -36.69
N GLN A 540 -12.92 3.56 -37.11
CA GLN A 540 -12.92 2.11 -36.80
C GLN A 540 -11.68 1.38 -37.32
N HIS A 541 -11.27 1.71 -38.55
CA HIS A 541 -10.06 1.14 -39.15
C HIS A 541 -9.13 2.26 -39.56
N ILE A 542 -7.87 2.17 -39.16
CA ILE A 542 -6.90 3.15 -39.57
C ILE A 542 -5.78 2.50 -40.37
N GLU A 543 -5.33 3.19 -41.41
CA GLU A 543 -4.11 2.81 -42.14
C GLU A 543 -2.99 3.82 -41.96
N GLU A 544 -1.77 3.41 -42.25
CA GLU A 544 -0.60 4.29 -42.20
C GLU A 544 -0.82 5.55 -43.04
N GLY A 545 -0.48 6.69 -42.46
CA GLY A 545 -0.62 7.98 -43.16
C GLY A 545 -0.66 9.12 -42.15
N LYS A 546 -0.93 10.32 -42.62
CA LYS A 546 -0.94 11.47 -41.77
C LYS A 546 -2.39 11.91 -41.47
N TYR A 547 -2.67 12.20 -40.21
CA TYR A 547 -4.02 12.52 -39.80
C TYR A 547 -4.01 13.70 -38.85
N GLU A 548 -5.03 14.54 -38.94
CA GLU A 548 -5.23 15.59 -37.96
C GLU A 548 -6.20 15.10 -36.88
N PHE A 549 -5.70 14.92 -35.66
CA PHE A 549 -6.51 14.41 -34.59
C PHE A 549 -6.78 15.49 -33.54
N ASP A 550 -8.01 15.53 -33.05
CA ASP A 550 -8.38 16.32 -31.88
C ASP A 550 -7.90 15.63 -30.59
N LYS A 551 -7.88 16.37 -29.47
CA LYS A 551 -7.51 15.79 -28.19
C LYS A 551 -8.28 14.50 -27.94
N GLY A 552 -7.58 13.48 -27.43
CA GLY A 552 -8.19 12.23 -27.05
C GLY A 552 -7.24 11.04 -27.10
N PHE A 553 -7.77 9.84 -26.91
CA PHE A 553 -6.94 8.67 -26.89
C PHE A 553 -7.63 7.63 -27.76
N ALA A 554 -6.87 6.80 -28.45
CA ALA A 554 -7.45 5.70 -29.23
C ALA A 554 -6.56 4.47 -29.12
N LEU A 555 -7.17 3.30 -28.99
CA LEU A 555 -6.45 2.04 -28.90
C LEU A 555 -6.79 1.21 -30.11
N TYR A 556 -5.75 0.79 -30.83
CA TYR A 556 -5.90 0.03 -32.05
C TYR A 556 -5.26 -1.34 -31.89
N LYS A 557 -5.89 -2.35 -32.47
CA LYS A 557 -5.37 -3.71 -32.47
C LYS A 557 -4.61 -3.95 -33.78
CAC FLC B . -0.48 20.20 -2.70
CA FLC B . -1.48 20.80 -3.66
CB FLC B . -2.26 21.99 -3.11
CBC FLC B . -3.22 21.57 -2.02
CG FLC B . -2.99 22.62 -4.29
CGC FLC B . -3.72 23.88 -3.88
OA1 FLC B . -0.60 20.29 -1.44
OA2 FLC B . 0.48 19.61 -3.25
OB1 FLC B . -3.07 22.07 -0.88
OB2 FLC B . -4.11 20.73 -2.30
OG1 FLC B . -3.38 24.50 -2.83
OG2 FLC B . -4.65 24.26 -4.62
OHB FLC B . -1.37 22.96 -2.54
C1 GOL C . 3.18 18.28 -2.93
O1 GOL C . 3.67 17.61 -4.06
C2 GOL C . 2.69 17.19 -1.99
O2 GOL C . 3.79 16.70 -1.23
C3 GOL C . 1.97 16.04 -2.72
O3 GOL C . 1.07 16.56 -3.67
C1 GOL D . -22.53 -4.55 -11.22
O1 GOL D . -23.83 -4.66 -11.76
C2 GOL D . -21.96 -5.94 -10.87
O2 GOL D . -22.34 -6.91 -11.83
C3 GOL D . -22.38 -6.35 -9.46
O3 GOL D . -22.09 -5.32 -8.54
C1 GOL E . -23.69 2.71 -3.49
O1 GOL E . -23.32 1.60 -4.29
C2 GOL E . -23.25 2.67 -2.02
O2 GOL E . -22.03 1.95 -1.70
C3 GOL E . -24.46 2.22 -1.18
O3 GOL E . -24.74 0.83 -1.27
C1 GOL F . 10.70 -10.31 -9.19
O1 GOL F . 11.04 -9.30 -8.24
C2 GOL F . 10.57 -11.72 -8.61
O2 GOL F . 11.71 -12.47 -8.92
C3 GOL F . 9.37 -12.48 -9.16
O3 GOL F . 8.18 -12.13 -8.50
C1 GOL G . -17.11 4.21 11.80
O1 GOL G . -16.57 5.24 11.00
C2 GOL G . -16.72 2.87 11.18
O2 GOL G . -16.61 1.88 12.19
C3 GOL G . -15.38 3.12 10.49
O3 GOL G . -14.86 1.92 9.99
#